data_8UWN
#
_entry.id   8UWN
#
_cell.length_a   92.752
_cell.length_b   64.358
_cell.length_c   80.822
_cell.angle_alpha   90.00
_cell.angle_beta   119.43
_cell.angle_gamma   90.00
#
_symmetry.space_group_name_H-M   'C 1 2 1'
#
loop_
_entity.id
_entity.type
_entity.pdbx_description
1 polymer 'Dual specificity protein kinase CLK1'
2 non-polymer 'SULFATE ION'
3 non-polymer cyclopropyl(4-{(8R)-6-[4-(piperazin-1-yl)phenyl]pyrrolo[1,2-b]pyridazin-4-yl}piperazin-1-yl)methanone
4 water water
#
_entity_poly.entity_id   1
_entity_poly.type   'polypeptide(L)'
_entity_poly.pdbx_seq_one_letter_code
;MHHHHHHSSGVDLGTENLYFQSMHLICQSGDVLSARYEIVDTLGEGAFGKVVECIDHKAGGRHVAVKIVKNVDRYCEAAR
SEIQVLEHLNTTDPNSTFRCVQMLEWFEHHGHICIVFELLGLSTYDFIKENGFLPFRLDHIRKMAYQICKSVNFLHSNKL
THTDLKPENILFVQSDYTEAYNPKIKRDERTLINPDIKVVDFGSATYDDEHHSTLV(SEP)(TPO)RHYRAPEVILALGW
SQPCDVWSIGCILIEYYLGFTVFPTHDSKEHLAMMERILGPLPKHMIQKTRKRKYFHHDRLDWDEHSSAGRYVSRACKPL
KEFMLSQDVEHERLFDLIQKMLEYDPAKRITLREALKHPFFDLLKKSI
;
_entity_poly.pdbx_strand_id   A
#
# COMPACT_ATOMS: atom_id res chain seq x y z
N HIS A 24 4.01 16.04 -16.90
CA HIS A 24 3.69 17.07 -17.95
C HIS A 24 4.68 17.14 -19.15
N LEU A 25 5.31 16.00 -19.47
CA LEU A 25 5.80 15.79 -20.82
C LEU A 25 4.54 15.68 -21.67
N ILE A 26 4.53 16.41 -22.78
CA ILE A 26 3.48 16.33 -23.77
C ILE A 26 3.82 15.08 -24.59
N CYS A 27 2.88 14.15 -24.75
CA CYS A 27 3.14 12.92 -25.55
C CYS A 27 1.89 12.16 -26.00
N GLN A 28 2.08 11.30 -26.99
CA GLN A 28 1.04 10.46 -27.52
C GLN A 28 1.70 9.20 -28.11
N SER A 29 0.87 8.24 -28.46
CA SER A 29 1.33 7.04 -29.12
C SER A 29 2.08 7.42 -30.38
N GLY A 30 3.16 6.69 -30.63
CA GLY A 30 4.03 6.99 -31.74
C GLY A 30 5.27 7.72 -31.34
N ASP A 31 5.23 8.49 -30.25
CA ASP A 31 6.43 9.20 -29.81
C ASP A 31 7.49 8.21 -29.34
N VAL A 32 8.75 8.56 -29.60
CA VAL A 32 9.88 7.74 -29.22
C VAL A 32 10.69 8.48 -28.18
N LEU A 33 10.97 7.77 -27.08
CA LEU A 33 11.74 8.26 -25.95
C LEU A 33 13.14 7.64 -25.99
N SER A 34 14.18 8.42 -25.69
CA SER A 34 15.58 7.94 -25.64
C SER A 34 16.01 7.26 -26.94
N ALA A 35 15.49 7.76 -28.06
CA ALA A 35 15.55 7.08 -29.37
C ALA A 35 15.48 5.54 -29.34
N ARG A 36 14.70 4.97 -28.40
CA ARG A 36 14.44 3.53 -28.38
C ARG A 36 13.05 3.07 -27.94
N TYR A 37 12.36 3.84 -27.11
CA TYR A 37 11.10 3.40 -26.51
C TYR A 37 9.90 4.08 -27.21
N GLU A 38 9.15 3.30 -27.98
CA GLU A 38 8.00 3.82 -28.73
C GLU A 38 6.73 3.68 -27.90
N ILE A 39 6.08 4.80 -27.60
CA ILE A 39 4.79 4.76 -26.89
C ILE A 39 3.69 4.08 -27.72
N VAL A 40 3.02 3.12 -27.06
CA VAL A 40 1.89 2.41 -27.62
C VAL A 40 0.61 2.48 -26.80
N ASP A 41 0.70 2.92 -25.54
CA ASP A 41 -0.47 3.03 -24.70
C ASP A 41 -0.20 3.85 -23.45
N THR A 42 -1.28 4.37 -22.87
CA THR A 42 -1.22 4.98 -21.53
C THR A 42 -1.37 3.93 -20.41
N LEU A 43 -0.62 4.12 -19.32
CA LEU A 43 -0.72 3.29 -18.11
C LEU A 43 -1.05 4.16 -16.90
N GLY A 44 -1.85 5.20 -17.10
CA GLY A 44 -2.33 6.00 -15.99
C GLY A 44 -1.43 7.12 -15.61
N GLU A 45 -1.83 7.83 -14.56
CA GLU A 45 -1.20 9.08 -14.20
C GLU A 45 -1.35 9.31 -12.69
N GLY A 46 -0.56 10.25 -12.19
CA GLY A 46 -0.65 10.72 -10.81
C GLY A 46 -0.15 12.15 -10.72
N ALA A 47 0.02 12.62 -9.49
CA ALA A 47 0.64 13.92 -9.22
C ALA A 47 2.14 13.88 -9.55
N PHE A 48 2.72 12.68 -9.52
CA PHE A 48 4.11 12.46 -9.89
C PHE A 48 4.39 12.68 -11.39
N GLY A 49 3.36 12.52 -12.23
CA GLY A 49 3.54 12.49 -13.70
C GLY A 49 2.69 11.39 -14.34
N LYS A 50 3.24 10.68 -15.33
CA LYS A 50 2.46 9.63 -15.98
C LYS A 50 3.28 8.41 -16.32
N VAL A 51 2.58 7.30 -16.60
CA VAL A 51 3.23 6.04 -16.99
C VAL A 51 2.70 5.71 -18.39
N VAL A 52 3.61 5.29 -19.25
CA VAL A 52 3.27 4.85 -20.60
C VAL A 52 3.87 3.47 -20.86
N GLU A 53 3.18 2.72 -21.69
CA GLU A 53 3.68 1.44 -22.22
C GLU A 53 4.39 1.72 -23.52
N CYS A 54 5.62 1.20 -23.64
CA CYS A 54 6.45 1.36 -24.81
C CYS A 54 6.96 0.03 -25.36
N ILE A 55 7.25 0.05 -26.67
CA ILE A 55 8.03 -0.99 -27.31
C ILE A 55 9.51 -0.61 -27.21
N ASP A 56 10.36 -1.52 -26.71
CA ASP A 56 11.81 -1.29 -26.63
C ASP A 56 12.46 -1.85 -27.87
N HIS A 57 12.75 -0.97 -28.83
CA HIS A 57 13.37 -1.36 -30.11
C HIS A 57 14.85 -1.80 -29.96
N LYS A 58 15.48 -1.52 -28.82
CA LYS A 58 16.85 -2.04 -28.53
C LYS A 58 16.89 -3.24 -27.54
N ALA A 59 15.72 -3.79 -27.20
CA ALA A 59 15.65 -5.06 -26.46
C ALA A 59 14.68 -6.00 -27.14
N GLY A 60 14.77 -6.09 -28.46
CA GLY A 60 14.03 -7.07 -29.22
C GLY A 60 12.53 -6.91 -29.23
N GLY A 61 12.03 -5.69 -29.02
CA GLY A 61 10.60 -5.40 -29.05
C GLY A 61 9.86 -5.59 -27.74
N ARG A 62 10.60 -5.85 -26.65
CA ARG A 62 10.02 -6.04 -25.32
C ARG A 62 9.10 -4.88 -24.93
N HIS A 63 7.89 -5.17 -24.44
CA HIS A 63 7.00 -4.11 -23.92
C HIS A 63 7.43 -3.78 -22.48
N VAL A 64 7.48 -2.50 -22.17
CA VAL A 64 7.94 -2.02 -20.86
C VAL A 64 7.03 -0.88 -20.43
N ALA A 65 7.06 -0.59 -19.14
CA ALA A 65 6.38 0.57 -18.58
C ALA A 65 7.42 1.64 -18.31
N VAL A 66 7.13 2.86 -18.71
CA VAL A 66 8.01 4.01 -18.46
C VAL A 66 7.27 5.07 -17.68
N LYS A 67 7.76 5.33 -16.48
CA LYS A 67 7.23 6.36 -15.61
C LYS A 67 7.91 7.66 -15.99
N ILE A 68 7.11 8.66 -16.37
CA ILE A 68 7.64 9.97 -16.82
C ILE A 68 7.33 11.01 -15.74
N VAL A 69 8.37 11.49 -15.05
CA VAL A 69 8.19 12.29 -13.84
C VAL A 69 8.04 13.76 -14.18
N LYS A 70 7.12 14.45 -13.51
CA LYS A 70 6.95 15.90 -13.67
C LYS A 70 8.25 16.63 -13.37
N ASN A 71 8.59 17.60 -14.24
CA ASN A 71 9.69 18.53 -13.98
C ASN A 71 9.28 19.51 -12.89
N VAL A 72 9.31 19.01 -11.66
CA VAL A 72 8.89 19.72 -10.46
C VAL A 72 9.73 19.17 -9.30
N ASP A 73 10.38 20.09 -8.58
CA ASP A 73 11.38 19.77 -7.55
C ASP A 73 11.04 18.54 -6.70
N ARG A 74 9.85 18.57 -6.12
CA ARG A 74 9.36 17.52 -5.22
C ARG A 74 9.35 16.11 -5.85
N TYR A 75 8.90 16.03 -7.09
CA TYR A 75 8.73 14.75 -7.76
C TYR A 75 10.05 14.28 -8.35
N CYS A 76 10.89 15.23 -8.76
CA CYS A 76 12.23 14.91 -9.22
C CYS A 76 13.07 14.33 -8.12
N GLU A 77 13.02 14.92 -6.93
CA GLU A 77 13.79 14.43 -5.78
C GLU A 77 13.37 13.01 -5.38
N ALA A 78 12.06 12.77 -5.30
CA ALA A 78 11.51 11.44 -5.04
C ALA A 78 12.03 10.43 -6.07
N ALA A 79 12.02 10.81 -7.34
CA ALA A 79 12.43 9.96 -8.45
C ALA A 79 13.91 9.57 -8.36
N ARG A 80 14.78 10.54 -8.08
CA ARG A 80 16.21 10.24 -7.88
C ARG A 80 16.39 9.28 -6.72
N SER A 81 15.64 9.49 -5.63
CA SER A 81 15.76 8.61 -4.47
C SER A 81 15.24 7.20 -4.80
N GLU A 82 14.15 7.13 -5.58
CA GLU A 82 13.58 5.84 -6.04
C GLU A 82 14.58 5.07 -6.89
N ILE A 83 15.25 5.78 -7.79
CA ILE A 83 16.26 5.16 -8.62
C ILE A 83 17.38 4.54 -7.78
N GLN A 84 17.84 5.26 -6.74
CA GLN A 84 18.85 4.73 -5.82
C GLN A 84 18.37 3.47 -5.13
N VAL A 85 17.15 3.52 -4.61
CA VAL A 85 16.58 2.37 -3.90
C VAL A 85 16.42 1.17 -4.81
N LEU A 86 15.83 1.37 -5.99
CA LEU A 86 15.69 0.28 -6.97
C LEU A 86 17.00 -0.35 -7.44
N GLU A 87 18.03 0.46 -7.63
CA GLU A 87 19.34 -0.10 -7.97
C GLU A 87 19.89 -0.99 -6.87
N HIS A 88 19.77 -0.54 -5.62
CA HIS A 88 20.14 -1.34 -4.46
C HIS A 88 19.32 -2.65 -4.36
N LEU A 89 17.99 -2.55 -4.41
CA LEU A 89 17.14 -3.73 -4.26
C LEU A 89 17.34 -4.77 -5.36
N ASN A 90 17.42 -4.29 -6.60
CA ASN A 90 17.58 -5.16 -7.75
C ASN A 90 18.98 -5.83 -7.79
N THR A 91 20.03 -5.12 -7.37
CA THR A 91 21.36 -5.73 -7.17
C THR A 91 21.36 -6.73 -6.00
N THR A 92 20.63 -6.43 -4.94
CA THR A 92 20.59 -7.32 -3.78
C THR A 92 19.78 -8.60 -4.08
N ASP A 93 18.74 -8.46 -4.90
CA ASP A 93 17.81 -9.54 -5.21
C ASP A 93 17.65 -9.60 -6.74
N PRO A 94 18.70 -10.06 -7.41
CA PRO A 94 18.68 -10.04 -8.87
C PRO A 94 17.63 -10.97 -9.51
N ASN A 95 17.24 -12.03 -8.82
CA ASN A 95 16.18 -12.94 -9.31
C ASN A 95 14.74 -12.45 -9.02
N SER A 96 14.57 -11.29 -8.37
CA SER A 96 13.25 -10.82 -7.85
C SER A 96 12.53 -11.87 -7.01
N THR A 97 13.30 -12.61 -6.21
CA THR A 97 12.73 -13.58 -5.26
C THR A 97 11.76 -12.93 -4.29
N PHE A 98 12.03 -11.68 -3.94
CA PHE A 98 11.20 -10.94 -3.00
C PHE A 98 10.22 -9.94 -3.64
N ARG A 99 10.01 -10.03 -4.96
CA ARG A 99 8.85 -9.40 -5.60
C ARG A 99 8.78 -7.88 -5.54
N CYS A 100 9.92 -7.18 -5.49
CA CYS A 100 9.95 -5.74 -5.79
C CYS A 100 10.06 -5.60 -7.34
N VAL A 101 9.33 -4.64 -7.91
CA VAL A 101 9.37 -4.37 -9.34
C VAL A 101 10.82 -4.13 -9.76
N GLN A 102 11.14 -4.62 -10.95
CA GLN A 102 12.46 -4.51 -11.52
C GLN A 102 12.53 -3.28 -12.41
N MET A 103 13.49 -2.41 -12.10
CA MET A 103 13.85 -1.26 -12.93
C MET A 103 14.86 -1.73 -13.93
N LEU A 104 14.59 -1.48 -15.20
CA LEU A 104 15.45 -1.91 -16.28
C LEU A 104 16.53 -0.85 -16.56
N GLU A 105 16.14 0.41 -16.54
CA GLU A 105 17.07 1.54 -16.62
C GLU A 105 16.30 2.83 -16.36
N TRP A 106 17.01 3.95 -16.43
CA TRP A 106 16.40 5.28 -16.34
C TRP A 106 17.15 6.20 -17.30
N PHE A 107 16.51 7.30 -17.66
CA PHE A 107 17.11 8.27 -18.58
C PHE A 107 16.41 9.62 -18.41
N GLU A 108 16.85 10.62 -19.18
CA GLU A 108 16.24 11.94 -19.13
C GLU A 108 15.80 12.33 -20.54
N HIS A 109 14.63 12.94 -20.65
CA HIS A 109 13.99 13.19 -21.94
C HIS A 109 13.32 14.55 -21.87
N HIS A 110 13.84 15.52 -22.61
CA HIS A 110 13.37 16.91 -22.52
C HIS A 110 13.32 17.38 -21.08
N GLY A 111 14.36 17.06 -20.33
CA GLY A 111 14.48 17.46 -18.93
C GLY A 111 13.71 16.64 -17.91
N HIS A 112 12.97 15.62 -18.35
CA HIS A 112 12.17 14.80 -17.45
C HIS A 112 12.91 13.50 -17.10
N ILE A 113 12.89 13.13 -15.82
CA ILE A 113 13.41 11.82 -15.40
C ILE A 113 12.40 10.75 -15.82
N CYS A 114 12.89 9.71 -16.49
CA CYS A 114 12.09 8.61 -17.00
C CYS A 114 12.64 7.31 -16.44
N ILE A 115 11.78 6.53 -15.78
CA ILE A 115 12.20 5.24 -15.19
C ILE A 115 11.52 4.08 -15.91
N VAL A 116 12.34 3.16 -16.44
CA VAL A 116 11.85 2.05 -17.21
C VAL A 116 11.73 0.83 -16.30
N PHE A 117 10.54 0.26 -16.27
CA PHE A 117 10.20 -0.95 -15.50
C PHE A 117 9.81 -2.13 -16.37
N GLU A 118 10.00 -3.34 -15.83
CA GLU A 118 9.36 -4.54 -16.39
C GLU A 118 7.85 -4.26 -16.39
N LEU A 119 7.13 -4.69 -17.42
CA LEU A 119 5.69 -4.44 -17.50
C LEU A 119 4.89 -5.43 -16.66
N LEU A 120 4.08 -4.92 -15.74
CA LEU A 120 3.22 -5.74 -14.90
C LEU A 120 1.76 -5.56 -15.34
N GLY A 121 0.83 -6.21 -14.64
CA GLY A 121 -0.59 -5.98 -14.82
C GLY A 121 -1.03 -4.80 -13.97
N LEU A 122 -2.33 -4.57 -13.88
CA LEU A 122 -2.87 -3.39 -13.16
C LEU A 122 -2.72 -3.52 -11.62
N SER A 123 -2.81 -2.38 -10.94
CA SER A 123 -2.66 -2.32 -9.50
C SER A 123 -3.86 -3.00 -8.85
N THR A 124 -3.72 -3.37 -7.58
CA THR A 124 -4.80 -4.08 -6.87
C THR A 124 -5.97 -3.11 -6.67
N TYR A 125 -5.66 -1.82 -6.55
CA TYR A 125 -6.68 -0.78 -6.47
C TYR A 125 -7.51 -0.72 -7.77
N ASP A 126 -6.84 -0.65 -8.91
CA ASP A 126 -7.52 -0.67 -10.21
C ASP A 126 -8.37 -1.93 -10.44
N PHE A 127 -7.89 -3.10 -10.03
CA PHE A 127 -8.70 -4.32 -10.12
C PHE A 127 -10.00 -4.22 -9.30
N ILE A 128 -9.90 -3.76 -8.05
CA ILE A 128 -11.04 -3.60 -7.19
C ILE A 128 -12.06 -2.63 -7.83
N LYS A 129 -11.58 -1.50 -8.36
CA LYS A 129 -12.44 -0.48 -9.00
C LYS A 129 -13.17 -1.07 -10.20
N GLU A 130 -12.44 -1.81 -11.04
CA GLU A 130 -13.03 -2.44 -12.22
C GLU A 130 -13.91 -3.66 -11.90
N ASN A 131 -13.89 -4.12 -10.64
CA ASN A 131 -14.71 -5.24 -10.15
C ASN A 131 -15.87 -4.73 -9.30
N GLY A 132 -16.36 -3.53 -9.60
CA GLY A 132 -17.47 -2.91 -8.87
C GLY A 132 -17.23 -2.67 -7.39
N PHE A 133 -15.96 -2.44 -7.03
CA PHE A 133 -15.52 -2.33 -5.63
C PHE A 133 -15.87 -3.57 -4.76
N LEU A 134 -15.94 -4.75 -5.37
CA LEU A 134 -16.17 -5.96 -4.64
C LEU A 134 -14.82 -6.44 -4.07
N PRO A 135 -14.86 -7.09 -2.90
CA PRO A 135 -13.60 -7.55 -2.31
C PRO A 135 -13.06 -8.81 -2.97
N PHE A 136 -11.81 -9.09 -2.65
CA PHE A 136 -11.14 -10.30 -3.05
C PHE A 136 -11.59 -11.46 -2.19
N ARG A 137 -11.49 -12.64 -2.77
CA ARG A 137 -11.82 -13.91 -2.11
C ARG A 137 -10.70 -14.23 -1.11
N LEU A 138 -11.05 -14.91 -0.02
CA LEU A 138 -10.13 -15.06 1.12
C LEU A 138 -8.84 -15.82 0.76
N ASP A 139 -8.96 -16.87 -0.09
CA ASP A 139 -7.78 -17.60 -0.57
C ASP A 139 -6.80 -16.70 -1.34
N HIS A 140 -7.34 -15.75 -2.12
CA HIS A 140 -6.48 -14.78 -2.83
C HIS A 140 -5.85 -13.78 -1.87
N ILE A 141 -6.63 -13.28 -0.92
CA ILE A 141 -6.11 -12.43 0.13
C ILE A 141 -4.94 -13.08 0.89
N ARG A 142 -5.08 -14.35 1.26
CA ARG A 142 -4.02 -15.10 1.96
C ARG A 142 -2.71 -15.07 1.18
N LYS A 143 -2.78 -15.45 -0.10
CA LYS A 143 -1.63 -15.44 -1.00
C LYS A 143 -1.02 -14.06 -1.20
N MET A 144 -1.88 -13.06 -1.39
CA MET A 144 -1.43 -11.67 -1.56
C MET A 144 -0.79 -11.14 -0.28
N ALA A 145 -1.45 -11.35 0.85
CA ALA A 145 -0.88 -10.98 2.16
C ALA A 145 0.52 -11.58 2.40
N TYR A 146 0.69 -12.85 2.04
CA TYR A 146 1.95 -13.57 2.25
C TYR A 146 3.09 -12.95 1.43
N GLN A 147 2.83 -12.79 0.13
CA GLN A 147 3.76 -12.12 -0.77
C GLN A 147 4.09 -10.67 -0.38
N ILE A 148 3.09 -9.87 0.02
CA ILE A 148 3.34 -8.50 0.49
C ILE A 148 4.24 -8.49 1.74
N CYS A 149 3.92 -9.35 2.72
CA CYS A 149 4.74 -9.47 3.94
C CYS A 149 6.18 -9.90 3.63
N LYS A 150 6.34 -10.81 2.68
CA LYS A 150 7.64 -11.29 2.29
C LYS A 150 8.48 -10.20 1.62
N SER A 151 7.88 -9.50 0.66
CA SER A 151 8.53 -8.39 -0.06
C SER A 151 8.89 -7.25 0.87
N VAL A 152 7.94 -6.82 1.65
CA VAL A 152 8.19 -5.72 2.57
C VAL A 152 9.14 -6.15 3.70
N ASN A 153 9.08 -7.41 4.16
CA ASN A 153 10.09 -7.90 5.12
C ASN A 153 11.52 -7.86 4.57
N PHE A 154 11.67 -8.14 3.27
CA PHE A 154 12.93 -7.94 2.53
C PHE A 154 13.45 -6.50 2.62
N LEU A 155 12.59 -5.50 2.44
CA LEU A 155 13.00 -4.11 2.61
C LEU A 155 13.46 -3.90 4.05
N HIS A 156 12.69 -4.44 4.99
CA HIS A 156 13.02 -4.31 6.42
C HIS A 156 14.37 -4.95 6.81
N SER A 157 14.71 -6.06 6.17
CA SER A 157 16.02 -6.69 6.35
C SER A 157 17.18 -5.89 5.75
N ASN A 158 16.89 -4.96 4.84
CA ASN A 158 17.89 -4.10 4.19
C ASN A 158 17.81 -2.65 4.67
N LYS A 159 17.35 -2.47 5.89
CA LYS A 159 17.33 -1.18 6.57
C LYS A 159 16.43 -0.13 5.92
N LEU A 160 15.34 -0.57 5.29
CA LEU A 160 14.40 0.31 4.62
C LEU A 160 13.01 0.22 5.21
N THR A 161 12.27 1.33 5.11
CA THR A 161 10.86 1.41 5.41
C THR A 161 10.19 2.01 4.16
N HIS A 162 9.14 1.36 3.64
CA HIS A 162 8.45 1.82 2.41
C HIS A 162 7.72 3.13 2.66
N THR A 163 6.90 3.16 3.71
CA THR A 163 6.11 4.32 4.19
C THR A 163 4.80 4.62 3.45
N ASP A 164 4.60 4.05 2.26
CA ASP A 164 3.49 4.40 1.40
C ASP A 164 2.83 3.16 0.77
N LEU A 165 2.63 2.13 1.61
CA LEU A 165 1.95 0.93 1.18
C LEU A 165 0.42 1.19 1.16
N LYS A 166 -0.19 0.81 0.06
CA LYS A 166 -1.63 1.01 -0.21
C LYS A 166 -1.94 0.19 -1.47
N PRO A 167 -3.23 -0.08 -1.78
CA PRO A 167 -3.58 -0.91 -2.94
C PRO A 167 -3.07 -0.42 -4.29
N GLU A 168 -2.95 0.89 -4.46
CA GLU A 168 -2.35 1.43 -5.70
C GLU A 168 -0.88 1.05 -5.90
N ASN A 169 -0.15 0.75 -4.82
CA ASN A 169 1.27 0.41 -4.90
C ASN A 169 1.60 -1.10 -4.81
N ILE A 170 0.56 -1.92 -4.98
CA ILE A 170 0.69 -3.35 -5.16
C ILE A 170 0.13 -3.70 -6.53
N LEU A 171 0.93 -4.32 -7.39
CA LEU A 171 0.50 -4.61 -8.75
C LEU A 171 0.45 -6.09 -9.02
N PHE A 172 -0.57 -6.50 -9.77
CA PHE A 172 -0.67 -7.90 -10.21
C PHE A 172 0.34 -8.14 -11.32
N VAL A 173 1.00 -9.28 -11.25
CA VAL A 173 1.94 -9.73 -12.30
C VAL A 173 1.16 -9.98 -13.59
N GLN A 174 0.00 -10.62 -13.47
CA GLN A 174 -0.87 -10.89 -14.62
C GLN A 174 -2.30 -10.78 -14.16
N SER A 175 -3.10 -9.97 -14.85
CA SER A 175 -4.42 -9.58 -14.35
C SER A 175 -5.61 -10.28 -15.01
N ASP A 176 -5.37 -11.31 -15.81
CA ASP A 176 -6.46 -12.06 -16.42
C ASP A 176 -7.39 -12.60 -15.37
N TYR A 177 -8.69 -12.56 -15.67
CA TYR A 177 -9.72 -12.98 -14.72
C TYR A 177 -10.83 -13.74 -15.46
N THR A 178 -11.62 -14.49 -14.70
CA THR A 178 -12.90 -15.04 -15.18
C THR A 178 -14.02 -14.35 -14.44
N GLU A 179 -15.24 -14.52 -14.95
CA GLU A 179 -16.40 -13.75 -14.52
C GLU A 179 -17.60 -14.66 -14.22
N ALA A 180 -18.31 -14.42 -13.12
CA ALA A 180 -19.45 -15.27 -12.70
C ALA A 180 -20.37 -14.65 -11.63
N TYR A 181 -21.62 -15.11 -11.59
CA TYR A 181 -22.61 -14.65 -10.60
C TYR A 181 -22.32 -15.25 -9.20
N ASN A 182 -22.36 -14.39 -8.18
CA ASN A 182 -22.15 -14.78 -6.78
C ASN A 182 -23.50 -14.70 -6.05
N PRO A 183 -23.98 -15.81 -5.47
CA PRO A 183 -25.28 -15.80 -4.79
C PRO A 183 -25.32 -14.99 -3.50
N LYS A 184 -24.32 -15.19 -2.62
CA LYS A 184 -24.25 -14.51 -1.32
C LYS A 184 -24.22 -12.98 -1.40
N ILE A 185 -23.38 -12.45 -2.31
CA ILE A 185 -23.11 -11.00 -2.39
C ILE A 185 -23.98 -10.20 -3.39
N LYS A 186 -25.00 -10.83 -3.99
CA LYS A 186 -25.97 -10.19 -4.92
C LYS A 186 -25.58 -10.12 -6.41
N ARG A 187 -24.30 -10.30 -6.78
CA ARG A 187 -23.83 -9.82 -8.12
C ARG A 187 -22.70 -10.55 -8.88
N ASP A 188 -22.53 -10.14 -10.14
CA ASP A 188 -21.45 -10.60 -11.01
C ASP A 188 -20.07 -10.14 -10.53
N GLU A 189 -19.12 -11.08 -10.58
CA GLU A 189 -17.83 -10.97 -9.92
C GLU A 189 -16.70 -11.41 -10.82
N ARG A 190 -15.61 -10.65 -10.84
CA ARG A 190 -14.36 -11.05 -11.48
C ARG A 190 -13.45 -11.76 -10.49
N THR A 191 -12.81 -12.86 -10.92
CA THR A 191 -11.91 -13.66 -10.08
C THR A 191 -10.59 -13.86 -10.85
N LEU A 192 -9.49 -13.36 -10.29
CA LEU A 192 -8.15 -13.54 -10.86
C LEU A 192 -7.85 -15.02 -11.08
N ILE A 193 -7.13 -15.31 -12.17
CA ILE A 193 -6.62 -16.65 -12.40
C ILE A 193 -5.35 -16.86 -11.57
N ASN A 194 -4.47 -15.87 -11.56
CA ASN A 194 -3.28 -15.88 -10.76
C ASN A 194 -3.21 -14.54 -10.03
N PRO A 195 -3.24 -14.56 -8.70
CA PRO A 195 -3.18 -13.37 -7.91
C PRO A 195 -1.78 -12.91 -7.49
N ASP A 196 -0.70 -13.45 -8.10
CA ASP A 196 0.68 -13.04 -7.77
C ASP A 196 0.90 -11.53 -7.89
N ILE A 197 1.62 -10.93 -6.95
CA ILE A 197 1.87 -9.51 -6.94
C ILE A 197 3.36 -9.15 -6.92
N LYS A 198 3.61 -7.86 -7.15
CA LYS A 198 4.87 -7.17 -6.85
C LYS A 198 4.58 -5.82 -6.19
N VAL A 199 5.57 -5.32 -5.43
CA VAL A 199 5.50 -4.05 -4.70
C VAL A 199 6.18 -2.98 -5.57
N VAL A 200 5.57 -1.81 -5.66
CA VAL A 200 6.10 -0.67 -6.43
C VAL A 200 6.17 0.59 -5.56
N ASP A 201 6.66 1.67 -6.16
CA ASP A 201 6.78 2.97 -5.56
C ASP A 201 7.78 3.03 -4.42
N PHE A 202 9.03 3.36 -4.75
CA PHE A 202 10.08 3.51 -3.77
C PHE A 202 10.55 4.96 -3.66
N GLY A 203 9.66 5.90 -4.03
CA GLY A 203 9.90 7.35 -4.01
C GLY A 203 9.83 7.98 -2.62
N SER A 204 9.21 7.27 -1.67
CA SER A 204 9.18 7.65 -0.25
C SER A 204 10.03 6.75 0.67
N ALA A 205 10.58 5.67 0.14
CA ALA A 205 11.32 4.69 0.93
C ALA A 205 12.54 5.30 1.62
N THR A 206 12.68 5.03 2.91
CA THR A 206 13.68 5.70 3.76
C THR A 206 14.56 4.69 4.48
N TYR A 207 15.87 4.86 4.37
CA TYR A 207 16.84 4.05 5.10
C TYR A 207 16.90 4.43 6.60
N ASP A 208 17.21 3.45 7.44
CA ASP A 208 17.35 3.69 8.90
C ASP A 208 18.25 4.88 9.24
N ASP A 209 19.38 4.98 8.56
CA ASP A 209 20.36 6.08 8.78
C ASP A 209 20.06 7.40 8.04
N GLU A 210 18.85 7.52 7.47
CA GLU A 210 18.42 8.73 6.80
C GLU A 210 17.45 9.48 7.67
N HIS A 211 17.25 10.74 7.31
CA HIS A 211 16.31 11.60 8.01
C HIS A 211 14.88 11.07 7.80
N HIS A 212 14.13 11.03 8.90
CA HIS A 212 12.74 10.59 8.91
C HIS A 212 11.90 11.85 9.08
N SER A 213 11.22 12.27 8.02
CA SER A 213 10.35 13.46 8.10
C SER A 213 9.24 13.23 9.13
N THR A 214 9.29 13.96 10.26
CA THR A 214 8.24 13.85 11.31
C THR A 214 6.98 14.62 10.91
N LEU A 215 7.12 15.48 9.90
CA LEU A 215 5.97 16.03 9.21
C LEU A 215 5.73 15.17 7.98
N VAL A 216 5.10 14.02 8.19
CA VAL A 216 4.76 13.08 7.12
C VAL A 216 3.59 13.59 6.27
N ARG A 219 -1.12 10.57 3.13
CA ARG A 219 -1.02 9.12 3.08
C ARG A 219 -2.41 8.51 3.22
N HIS A 220 -2.68 7.47 2.44
CA HIS A 220 -3.95 6.72 2.45
C HIS A 220 -4.19 6.12 3.85
N TYR A 221 -3.16 5.46 4.38
CA TYR A 221 -3.16 4.91 5.73
C TYR A 221 -2.14 5.69 6.57
N ARG A 222 -2.48 5.95 7.82
CA ARG A 222 -1.60 6.74 8.69
C ARG A 222 -1.50 6.02 10.01
N ALA A 223 -0.32 5.49 10.33
CA ALA A 223 -0.13 4.82 11.62
C ALA A 223 -0.19 5.85 12.74
N PRO A 224 -0.61 5.42 13.94
CA PRO A 224 -0.79 6.37 15.03
C PRO A 224 0.49 7.07 15.48
N GLU A 225 1.62 6.38 15.44
CA GLU A 225 2.89 6.97 15.83
C GLU A 225 3.31 8.04 14.81
N VAL A 226 2.87 7.90 13.55
CA VAL A 226 3.11 8.91 12.53
C VAL A 226 2.25 10.14 12.80
N ILE A 227 0.96 9.94 13.04
CA ILE A 227 0.04 11.06 13.34
C ILE A 227 0.47 11.81 14.60
N LEU A 228 0.81 11.07 15.64
CA LEU A 228 1.22 11.62 16.94
C LEU A 228 2.68 12.07 17.00
N ALA A 229 3.43 11.90 15.90
CA ALA A 229 4.83 12.32 15.75
C ALA A 229 5.74 11.80 16.86
N LEU A 230 5.64 10.50 17.11
CA LEU A 230 6.37 9.81 18.17
C LEU A 230 7.64 9.13 17.65
N GLY A 231 8.04 9.42 16.42
CA GLY A 231 9.08 8.65 15.73
C GLY A 231 8.44 7.50 14.98
N TRP A 232 8.92 7.19 13.78
CA TRP A 232 8.40 6.03 13.03
C TRP A 232 9.56 5.31 12.37
N SER A 233 9.31 4.06 12.05
CA SER A 233 10.30 3.20 11.40
CA SER A 233 10.30 3.15 11.53
C SER A 233 9.52 2.02 10.82
N GLN A 234 10.12 0.84 10.70
CA GLN A 234 9.52 -0.30 10.01
C GLN A 234 8.11 -0.64 10.48
N PRO A 235 7.82 -0.52 11.80
CA PRO A 235 6.45 -0.86 12.20
C PRO A 235 5.32 -0.07 11.52
N CYS A 236 5.59 1.14 11.03
CA CYS A 236 4.52 1.90 10.34
C CYS A 236 4.11 1.21 9.03
N ASP A 237 5.02 0.43 8.44
CA ASP A 237 4.70 -0.40 7.27
C ASP A 237 3.73 -1.54 7.63
N VAL A 238 3.90 -2.09 8.83
CA VAL A 238 3.03 -3.20 9.31
C VAL A 238 1.59 -2.68 9.51
N TRP A 239 1.46 -1.52 10.13
CA TRP A 239 0.17 -0.83 10.20
C TRP A 239 -0.53 -0.71 8.82
N SER A 240 0.18 -0.17 7.84
CA SER A 240 -0.35 -0.02 6.50
C SER A 240 -0.80 -1.36 5.91
N ILE A 241 -0.02 -2.42 6.11
CA ILE A 241 -0.39 -3.73 5.59
C ILE A 241 -1.68 -4.21 6.25
N GLY A 242 -1.81 -4.01 7.56
CA GLY A 242 -3.09 -4.35 8.22
C GLY A 242 -4.27 -3.65 7.58
N CYS A 243 -4.10 -2.38 7.26
CA CYS A 243 -5.17 -1.60 6.63
C CYS A 243 -5.43 -2.11 5.20
N ILE A 244 -4.36 -2.42 4.47
CA ILE A 244 -4.48 -3.04 3.14
C ILE A 244 -5.34 -4.31 3.16
N LEU A 245 -5.03 -5.20 4.08
CA LEU A 245 -5.73 -6.47 4.17
C LEU A 245 -7.22 -6.30 4.48
N ILE A 246 -7.55 -5.37 5.37
CA ILE A 246 -8.97 -5.10 5.62
C ILE A 246 -9.68 -4.52 4.39
N GLU A 247 -9.00 -3.64 3.65
CA GLU A 247 -9.53 -3.08 2.43
C GLU A 247 -9.73 -4.14 1.34
N TYR A 248 -8.82 -5.11 1.26
CA TYR A 248 -8.98 -6.21 0.29
C TYR A 248 -10.16 -7.13 0.66
N TYR A 249 -10.34 -7.28 1.96
CA TYR A 249 -11.41 -8.10 2.54
C TYR A 249 -12.81 -7.48 2.35
N LEU A 250 -12.91 -6.15 2.49
CA LEU A 250 -14.19 -5.45 2.41
C LEU A 250 -14.48 -4.80 1.06
N GLY A 251 -13.43 -4.47 0.30
CA GLY A 251 -13.56 -3.63 -0.88
C GLY A 251 -13.51 -2.13 -0.65
N PHE A 252 -13.41 -1.72 0.62
CA PHE A 252 -13.29 -0.31 0.98
C PHE A 252 -12.43 -0.19 2.24
N THR A 253 -11.82 0.97 2.41
CA THR A 253 -11.03 1.26 3.61
C THR A 253 -11.92 1.50 4.83
N VAL A 254 -11.45 1.06 6.00
CA VAL A 254 -12.13 1.39 7.29
C VAL A 254 -11.74 2.77 7.83
N PHE A 255 -10.83 3.49 7.16
CA PHE A 255 -10.45 4.83 7.57
C PHE A 255 -10.69 5.83 6.43
N PRO A 256 -11.96 6.07 6.08
CA PRO A 256 -12.26 6.94 4.93
C PRO A 256 -12.22 8.44 5.27
N THR A 257 -11.03 8.98 5.42
CA THR A 257 -10.85 10.39 5.74
C THR A 257 -9.50 10.85 5.29
N HIS A 258 -9.36 12.17 5.12
CA HIS A 258 -8.07 12.80 4.83
C HIS A 258 -7.56 13.65 6.01
N ASP A 259 -8.32 13.66 7.12
CA ASP A 259 -8.01 14.53 8.26
C ASP A 259 -7.43 13.70 9.43
N SER A 260 -6.33 14.19 9.99
CA SER A 260 -5.60 13.44 11.03
C SER A 260 -6.40 13.23 12.32
N LYS A 261 -7.09 14.26 12.80
CA LYS A 261 -7.88 14.10 14.02
C LYS A 261 -9.02 13.12 13.81
N GLU A 262 -9.62 13.16 12.62
CA GLU A 262 -10.71 12.24 12.29
C GLU A 262 -10.22 10.81 12.19
N HIS A 263 -9.01 10.64 11.63
CA HIS A 263 -8.31 9.33 11.66
C HIS A 263 -8.26 8.75 13.07
N LEU A 264 -7.81 9.55 14.02
CA LEU A 264 -7.69 9.10 15.41
C LEU A 264 -9.04 8.74 16.02
N ALA A 265 -10.06 9.54 15.74
CA ALA A 265 -11.43 9.25 16.15
C ALA A 265 -11.93 7.91 15.62
N MET A 266 -11.65 7.64 14.34
CA MET A 266 -12.00 6.35 13.72
C MET A 266 -11.24 5.19 14.35
N MET A 267 -9.94 5.36 14.59
CA MET A 267 -9.16 4.37 15.33
C MET A 267 -9.82 4.02 16.65
N GLU A 268 -10.21 5.02 17.44
CA GLU A 268 -10.84 4.73 18.74
C GLU A 268 -12.16 3.93 18.67
N ARG A 269 -12.97 4.15 17.62
CA ARG A 269 -14.22 3.37 17.44
C ARG A 269 -13.93 1.95 17.01
N ILE A 270 -12.86 1.78 16.24
CA ILE A 270 -12.53 0.50 15.64
C ILE A 270 -11.64 -0.33 16.55
N LEU A 271 -10.72 0.31 17.26
CA LEU A 271 -9.67 -0.41 18.03
C LEU A 271 -9.70 -0.15 19.54
N GLY A 272 -10.61 0.70 20.00
CA GLY A 272 -10.63 1.12 21.39
C GLY A 272 -9.77 2.34 21.64
N PRO A 273 -9.71 2.79 22.90
CA PRO A 273 -8.99 4.02 23.27
C PRO A 273 -7.49 3.99 22.96
N LEU A 274 -6.96 5.12 22.50
CA LEU A 274 -5.50 5.29 22.36
C LEU A 274 -4.83 5.00 23.70
N PRO A 275 -3.68 4.29 23.68
CA PRO A 275 -2.99 4.04 24.96
C PRO A 275 -2.57 5.34 25.65
N LYS A 276 -2.74 5.37 26.97
CA LYS A 276 -2.44 6.59 27.69
C LYS A 276 -0.97 7.02 27.60
N HIS A 277 -0.04 6.06 27.52
CA HIS A 277 1.38 6.41 27.36
C HIS A 277 1.68 7.14 26.04
N MET A 278 0.97 6.77 24.96
CA MET A 278 1.14 7.48 23.68
C MET A 278 0.56 8.91 23.76
N ILE A 279 -0.59 9.04 24.41
CA ILE A 279 -1.16 10.37 24.64
C ILE A 279 -0.24 11.18 25.59
N GLN A 280 0.33 10.55 26.61
CA GLN A 280 1.27 11.26 27.53
C GLN A 280 2.49 11.80 26.80
N LYS A 281 3.05 10.99 25.91
CA LYS A 281 4.29 11.30 25.22
C LYS A 281 4.17 12.34 24.09
N THR A 282 3.03 12.43 23.42
CA THR A 282 2.96 13.21 22.17
C THR A 282 3.05 14.72 22.33
N ARG A 283 3.79 15.36 21.43
CA ARG A 283 3.79 16.82 21.28
C ARG A 283 2.56 17.34 20.51
N LYS A 284 1.79 16.45 19.89
CA LYS A 284 0.65 16.85 19.04
C LYS A 284 -0.57 17.16 19.91
N ARG A 285 -0.45 18.27 20.63
CA ARG A 285 -1.48 18.71 21.58
C ARG A 285 -2.77 19.17 20.91
N LYS A 286 -2.69 19.60 19.65
CA LYS A 286 -3.87 20.02 18.90
C LYS A 286 -4.99 18.99 18.91
N TYR A 287 -4.64 17.71 18.94
CA TYR A 287 -5.64 16.63 18.93
C TYR A 287 -6.33 16.35 20.26
N PHE A 288 -5.86 16.92 21.38
CA PHE A 288 -6.32 16.46 22.71
C PHE A 288 -6.89 17.55 23.62
N HIS A 289 -7.93 17.19 24.38
CA HIS A 289 -8.40 18.00 25.50
C HIS A 289 -8.01 17.24 26.76
N HIS A 290 -7.07 17.81 27.52
CA HIS A 290 -6.45 17.10 28.65
C HIS A 290 -5.85 15.79 28.15
N ASP A 291 -6.37 14.65 28.60
CA ASP A 291 -5.85 13.33 28.19
C ASP A 291 -6.78 12.55 27.24
N ARG A 292 -7.80 13.22 26.67
CA ARG A 292 -8.74 12.56 25.75
C ARG A 292 -8.74 13.27 24.42
N LEU A 293 -9.07 12.52 23.38
CA LEU A 293 -9.18 13.13 22.04
C LEU A 293 -10.17 14.30 22.05
N ASP A 294 -9.79 15.43 21.47
CA ASP A 294 -10.64 16.63 21.41
C ASP A 294 -11.67 16.47 20.28
N TRP A 295 -12.68 15.65 20.54
CA TRP A 295 -13.60 15.18 19.50
C TRP A 295 -15.05 15.31 19.94
N ASP A 296 -15.87 15.92 19.08
CA ASP A 296 -17.31 16.06 19.32
C ASP A 296 -18.07 15.02 18.50
N GLU A 297 -18.66 14.03 19.17
CA GLU A 297 -19.41 12.97 18.50
C GLU A 297 -20.78 13.41 17.94
N HIS A 298 -21.25 14.61 18.33
CA HIS A 298 -22.56 15.12 17.89
C HIS A 298 -22.45 16.13 16.76
N SER A 299 -21.24 16.44 16.29
CA SER A 299 -21.05 17.24 15.08
C SER A 299 -21.36 16.39 13.83
N SER A 300 -21.36 17.03 12.67
CA SER A 300 -21.53 16.34 11.38
C SER A 300 -20.50 15.21 11.20
N ALA A 301 -19.23 15.55 11.42
CA ALA A 301 -18.12 14.59 11.30
C ALA A 301 -18.18 13.49 12.36
N GLY A 302 -18.59 13.84 13.58
CA GLY A 302 -18.82 12.86 14.64
C GLY A 302 -19.94 11.87 14.31
N ARG A 303 -21.04 12.38 13.73
CA ARG A 303 -22.17 11.53 13.34
C ARG A 303 -21.75 10.49 12.28
N TYR A 304 -20.96 10.92 11.31
CA TYR A 304 -20.38 10.08 10.26
CA TYR A 304 -20.46 10.00 10.30
C TYR A 304 -19.48 8.99 10.87
N VAL A 305 -18.43 9.46 11.55
CA VAL A 305 -17.49 8.55 12.22
C VAL A 305 -18.27 7.48 13.00
N SER A 306 -19.29 7.86 13.76
CA SER A 306 -20.07 6.87 14.54
C SER A 306 -20.80 5.81 13.69
N ARG A 307 -21.22 6.19 12.47
CA ARG A 307 -21.94 5.25 11.60
CA ARG A 307 -21.94 5.30 11.55
C ARG A 307 -20.99 4.38 10.78
N ALA A 308 -19.95 5.00 10.20
CA ALA A 308 -19.00 4.30 9.34
C ALA A 308 -18.06 3.34 10.09
N CYS A 309 -17.77 3.62 11.36
CA CYS A 309 -16.76 2.88 12.11
C CYS A 309 -17.42 2.14 13.25
N LYS A 310 -16.86 0.99 13.58
CA LYS A 310 -17.35 0.13 14.65
C LYS A 310 -16.20 -0.80 15.02
N PRO A 311 -16.34 -1.60 16.10
CA PRO A 311 -15.19 -2.43 16.49
C PRO A 311 -14.75 -3.39 15.38
N LEU A 312 -13.44 -3.53 15.23
CA LEU A 312 -12.81 -4.27 14.10
C LEU A 312 -13.52 -5.57 13.75
N LYS A 313 -13.76 -6.41 14.75
CA LYS A 313 -14.27 -7.76 14.50
C LYS A 313 -15.72 -7.75 13.95
N GLU A 314 -16.47 -6.67 14.17
CA GLU A 314 -17.81 -6.54 13.60
C GLU A 314 -17.82 -6.38 12.07
N PHE A 315 -16.67 -6.09 11.47
CA PHE A 315 -16.53 -6.08 10.01
C PHE A 315 -16.39 -7.48 9.38
N MET A 316 -16.21 -8.52 10.19
CA MET A 316 -16.10 -9.89 9.67
C MET A 316 -17.36 -10.32 8.89
N LEU A 317 -17.15 -11.00 7.75
CA LEU A 317 -18.25 -11.48 6.89
C LEU A 317 -18.64 -12.92 7.20
N SER A 318 -17.82 -13.62 8.00
CA SER A 318 -18.06 -14.99 8.40
C SER A 318 -17.29 -15.22 9.67
N GLN A 319 -17.74 -16.19 10.47
CA GLN A 319 -17.03 -16.62 11.67
C GLN A 319 -16.27 -17.94 11.47
N ASP A 320 -16.18 -18.42 10.23
CA ASP A 320 -15.32 -19.59 9.95
C ASP A 320 -13.88 -19.34 10.43
N VAL A 321 -13.20 -20.44 10.77
CA VAL A 321 -11.83 -20.47 11.28
CA VAL A 321 -11.85 -20.35 11.36
C VAL A 321 -10.85 -19.61 10.46
N GLU A 322 -11.02 -19.65 9.14
CA GLU A 322 -10.11 -18.94 8.23
C GLU A 322 -10.20 -17.43 8.42
N HIS A 323 -11.43 -16.93 8.59
CA HIS A 323 -11.71 -15.52 8.80
C HIS A 323 -11.27 -15.05 10.18
N GLU A 324 -11.44 -15.91 11.19
CA GLU A 324 -10.90 -15.66 12.53
C GLU A 324 -9.39 -15.51 12.51
N ARG A 325 -8.72 -16.35 11.74
CA ARG A 325 -7.26 -16.27 11.64
C ARG A 325 -6.77 -14.98 10.94
N LEU A 326 -7.42 -14.59 9.82
CA LEU A 326 -7.10 -13.29 9.17
C LEU A 326 -7.27 -12.12 10.15
N PHE A 327 -8.39 -12.13 10.86
CA PHE A 327 -8.69 -11.01 11.76
C PHE A 327 -7.80 -10.98 13.02
N ASP A 328 -7.29 -12.14 13.45
CA ASP A 328 -6.29 -12.19 14.54
C ASP A 328 -4.99 -11.52 14.05
N LEU A 329 -4.60 -11.84 12.82
CA LEU A 329 -3.47 -11.15 12.21
C LEU A 329 -3.66 -9.63 11.99
N ILE A 330 -4.81 -9.20 11.43
CA ILE A 330 -5.08 -7.78 11.23
C ILE A 330 -4.99 -7.03 12.56
N GLN A 331 -5.59 -7.60 13.58
CA GLN A 331 -5.59 -6.99 14.91
C GLN A 331 -4.18 -6.79 15.47
N LYS A 332 -3.32 -7.77 15.31
CA LYS A 332 -1.92 -7.64 15.73
C LYS A 332 -1.16 -6.59 14.92
N MET A 333 -1.46 -6.50 13.63
CA MET A 333 -0.87 -5.47 12.76
C MET A 333 -1.35 -4.05 13.13
N LEU A 334 -2.59 -3.94 13.61
CA LEU A 334 -3.17 -2.65 14.03
C LEU A 334 -3.02 -2.38 15.54
N GLU A 335 -2.06 -3.04 16.19
CA GLU A 335 -1.65 -2.69 17.56
C GLU A 335 -1.20 -1.23 17.57
N TYR A 336 -1.73 -0.46 18.52
CA TYR A 336 -1.38 0.93 18.61
C TYR A 336 0.12 1.17 18.88
N ASP A 337 0.69 0.46 19.85
CA ASP A 337 2.08 0.70 20.24
C ASP A 337 3.00 0.11 19.18
N PRO A 338 3.82 0.94 18.52
CA PRO A 338 4.65 0.34 17.44
C PRO A 338 5.72 -0.66 17.93
N ALA A 339 6.13 -0.60 19.19
CA ALA A 339 7.05 -1.63 19.76
C ALA A 339 6.33 -2.94 19.95
N LYS A 340 5.10 -2.89 20.45
CA LYS A 340 4.31 -4.11 20.71
C LYS A 340 3.87 -4.76 19.43
N ARG A 341 3.65 -3.93 18.40
CA ARG A 341 3.11 -4.39 17.10
C ARG A 341 3.93 -5.52 16.54
N ILE A 342 3.21 -6.45 15.93
CA ILE A 342 3.83 -7.62 15.32
C ILE A 342 4.76 -7.15 14.21
N THR A 343 5.90 -7.81 14.09
CA THR A 343 6.85 -7.58 13.01
C THR A 343 6.46 -8.47 11.81
N LEU A 344 7.01 -8.18 10.64
CA LEU A 344 6.64 -8.96 9.47
C LEU A 344 7.25 -10.36 9.54
N ARG A 345 8.40 -10.47 10.21
CA ARG A 345 9.03 -11.76 10.47
CA ARG A 345 9.01 -11.76 10.46
C ARG A 345 8.07 -12.65 11.29
N GLU A 346 7.47 -12.07 12.33
CA GLU A 346 6.48 -12.76 13.14
C GLU A 346 5.19 -13.03 12.32
N ALA A 347 4.77 -12.04 11.54
CA ALA A 347 3.58 -12.16 10.68
C ALA A 347 3.67 -13.34 9.72
N LEU A 348 4.85 -13.56 9.14
CA LEU A 348 5.03 -14.69 8.21
C LEU A 348 4.85 -16.07 8.87
N LYS A 349 5.01 -16.13 10.20
CA LYS A 349 4.84 -17.38 10.98
C LYS A 349 3.43 -17.58 11.55
N HIS A 350 2.51 -16.64 11.27
CA HIS A 350 1.19 -16.64 11.87
C HIS A 350 0.34 -17.76 11.25
N PRO A 351 -0.52 -18.41 12.05
CA PRO A 351 -1.29 -19.57 11.51
C PRO A 351 -2.16 -19.31 10.26
N PHE A 352 -2.66 -18.10 10.03
CA PHE A 352 -3.28 -17.71 8.75
C PHE A 352 -2.53 -18.21 7.51
N PHE A 353 -1.20 -18.30 7.57
CA PHE A 353 -0.38 -18.73 6.43
C PHE A 353 -0.03 -20.23 6.37
N ASP A 354 -0.38 -21.00 7.41
CA ASP A 354 -0.12 -22.46 7.44
C ASP A 354 -0.66 -23.17 6.21
N LEU A 355 -1.88 -22.82 5.78
CA LEU A 355 -2.45 -23.41 4.56
C LEU A 355 -1.46 -23.39 3.40
N LEU A 356 -0.71 -22.29 3.26
CA LEU A 356 0.28 -22.17 2.18
C LEU A 356 1.55 -23.04 2.34
N LYS A 357 1.83 -23.50 3.55
CA LYS A 357 3.04 -24.27 3.87
C LYS A 357 2.84 -25.80 4.01
N LYS A 358 1.64 -26.30 3.74
CA LYS A 358 1.33 -27.74 3.92
C LYS A 358 2.16 -28.66 3.03
#